data_7QP5
#
_entry.id   7QP5
#
_cell.length_a   116.912
_cell.length_b   73.574
_cell.length_c   71.878
_cell.angle_alpha   90.000
_cell.angle_beta   113.440
_cell.angle_gamma   90.000
#
_symmetry.space_group_name_H-M   'C 1 2 1'
#
loop_
_entity.id
_entity.type
_entity.pdbx_description
1 polymer 'Ferric iron reductase protein FhuF'
2 non-polymer 'FE2/S2 (INORGANIC) CLUSTER'
3 water water
#
_entity_poly.entity_id   1
_entity_poly.type   'polypeptide(L)'
_entity_poly.pdbx_seq_one_letter_code
;LQPQDPTLAQAVRATIAKHREHLLEFIRLDEPAPLNAMTLAQWSSPNVLSSLLAVYSDHIYRNQPMMIRENKPLISLWAQ
WYIGLMVPPLMLALLTQEKALDVSPEHFHAEFHETGRVACFWVDVSEDKNATPHSPQHRMETLISQALVPVVQALEATGE
INGKLIWSNTGYLINWYLTEMKQLLGEATVESLRHALFFEKTLTNGEDNPLWRTVVLRDGLLVRRTCCQRYRLPDVQQCG
DCTLK
;
_entity_poly.pdbx_strand_id   A,B
#
# COMPACT_ATOMS: atom_id res chain seq x y z
N GLN A 4 -14.41 5.55 -26.48
CA GLN A 4 -13.87 4.82 -25.33
C GLN A 4 -12.93 5.69 -24.52
N ASP A 5 -12.87 5.45 -23.20
CA ASP A 5 -12.12 6.29 -22.28
C ASP A 5 -10.73 5.71 -22.01
N PRO A 6 -9.73 6.57 -21.80
CA PRO A 6 -8.37 6.06 -21.59
C PRO A 6 -8.24 5.32 -20.27
N THR A 7 -7.35 4.32 -20.26
CA THR A 7 -6.92 3.74 -19.00
C THR A 7 -6.04 4.74 -18.25
N LEU A 8 -5.90 4.50 -16.94
CA LEU A 8 -5.01 5.36 -16.16
C LEU A 8 -3.61 5.36 -16.76
N ALA A 9 -3.15 4.21 -17.25
CA ALA A 9 -1.84 4.14 -17.89
C ALA A 9 -1.77 5.08 -19.08
N GLN A 10 -2.75 4.99 -19.99
CA GLN A 10 -2.76 5.86 -21.16
C GLN A 10 -2.91 7.32 -20.75
N ALA A 11 -3.69 7.58 -19.70
CA ALA A 11 -3.87 8.95 -19.22
C ALA A 11 -2.54 9.51 -18.74
N VAL A 12 -1.91 8.84 -17.78
CA VAL A 12 -0.62 9.30 -17.27
C VAL A 12 0.36 9.49 -18.42
N ARG A 13 0.47 8.47 -19.27
CA ARG A 13 1.42 8.55 -20.39
C ARG A 13 1.17 9.78 -21.24
N ALA A 14 -0.10 10.08 -21.53
CA ALA A 14 -0.42 11.26 -22.32
C ALA A 14 -0.03 12.54 -21.59
N THR A 15 -0.24 12.59 -20.27
CA THR A 15 0.07 13.82 -19.53
C THR A 15 1.57 14.10 -19.55
N ILE A 16 2.40 13.06 -19.51
CA ILE A 16 3.84 13.27 -19.50
C ILE A 16 4.35 13.60 -20.90
N ALA A 17 3.81 12.92 -21.92
CA ALA A 17 4.15 13.29 -23.29
C ALA A 17 3.81 14.75 -23.54
N LYS A 18 2.67 15.19 -23.03
CA LYS A 18 2.26 16.58 -23.15
C LYS A 18 3.30 17.52 -22.55
N HIS A 19 3.53 17.41 -21.25
CA HIS A 19 4.25 18.43 -20.50
C HIS A 19 5.75 18.15 -20.36
N ARG A 20 6.15 16.88 -20.15
CA ARG A 20 7.54 16.52 -19.88
C ARG A 20 7.86 15.24 -20.64
N GLU A 21 7.92 15.34 -21.97
CA GLU A 21 8.08 14.17 -22.81
C GLU A 21 9.37 13.41 -22.50
N HIS A 22 10.40 14.11 -22.01
CA HIS A 22 11.68 13.47 -21.78
C HIS A 22 11.61 12.43 -20.66
N LEU A 23 10.69 12.59 -19.71
CA LEU A 23 10.61 11.65 -18.58
C LEU A 23 10.21 10.24 -19.03
N LEU A 24 9.62 10.11 -20.22
CA LEU A 24 9.17 8.80 -20.69
C LEU A 24 10.32 7.85 -20.99
N GLU A 25 11.56 8.34 -20.99
CA GLU A 25 12.69 7.45 -21.27
C GLU A 25 12.91 6.46 -20.13
N PHE A 26 12.56 6.84 -18.90
CA PHE A 26 12.92 6.06 -17.72
C PHE A 26 11.71 5.45 -17.03
N ILE A 27 10.53 5.54 -17.63
CA ILE A 27 9.32 4.95 -17.06
C ILE A 27 8.51 4.34 -18.18
N ARG A 28 7.95 3.15 -17.90
CA ARG A 28 7.06 2.47 -18.81
C ARG A 28 5.77 2.17 -18.07
N LEU A 29 4.64 2.39 -18.74
CA LEU A 29 3.33 2.36 -18.11
C LEU A 29 2.51 1.23 -18.72
N ASP A 30 2.17 0.24 -17.89
CA ASP A 30 1.37 -0.90 -18.32
C ASP A 30 2.03 -1.64 -19.47
N GLU A 31 3.36 -1.69 -19.46
CA GLU A 31 4.11 -2.54 -20.36
C GLU A 31 4.79 -3.66 -19.57
N PRO A 32 5.06 -4.80 -20.20
CA PRO A 32 5.64 -5.91 -19.44
C PRO A 32 7.07 -5.60 -19.05
N ALA A 33 7.41 -5.94 -17.82
CA ALA A 33 8.76 -5.72 -17.35
C ALA A 33 9.69 -6.81 -17.86
N PRO A 34 10.98 -6.51 -18.05
CA PRO A 34 11.94 -7.56 -18.42
C PRO A 34 12.10 -8.57 -17.30
N LEU A 35 12.76 -9.69 -17.63
CA LEU A 35 12.94 -10.74 -16.65
C LEU A 35 13.81 -10.29 -15.49
N ASN A 36 14.86 -9.51 -15.78
CA ASN A 36 15.81 -9.10 -14.75
C ASN A 36 15.28 -8.00 -13.84
N ALA A 37 14.18 -7.36 -14.20
CA ALA A 37 13.66 -6.27 -13.38
C ALA A 37 13.13 -6.80 -12.05
N MET A 38 13.24 -5.97 -11.02
CA MET A 38 12.89 -6.38 -9.66
C MET A 38 12.10 -5.28 -8.97
N THR A 39 11.17 -5.71 -8.12
CA THR A 39 10.49 -4.80 -7.23
C THR A 39 11.35 -4.54 -5.99
N LEU A 40 10.94 -3.54 -5.20
CA LEU A 40 11.66 -3.25 -3.97
C LEU A 40 11.86 -4.49 -3.13
N ALA A 41 10.79 -5.27 -2.94
CA ALA A 41 10.88 -6.49 -2.14
C ALA A 41 11.99 -7.40 -2.64
N GLN A 42 12.14 -7.50 -3.96
CA GLN A 42 13.15 -8.39 -4.52
C GLN A 42 14.55 -7.80 -4.39
N TRP A 43 14.77 -6.59 -4.91
CA TRP A 43 16.13 -6.05 -4.93
C TRP A 43 16.59 -5.58 -3.55
N SER A 44 15.68 -5.38 -2.60
CA SER A 44 16.07 -4.97 -1.26
C SER A 44 16.61 -6.11 -0.41
N SER A 45 16.46 -7.35 -0.87
CA SER A 45 17.01 -8.48 -0.12
C SER A 45 18.51 -8.28 0.08
N PRO A 46 19.04 -8.52 1.28
CA PRO A 46 20.44 -8.14 1.54
C PRO A 46 21.42 -8.75 0.56
N ASN A 47 21.21 -10.00 0.16
CA ASN A 47 22.12 -10.62 -0.80
C ASN A 47 22.01 -9.93 -2.16
N VAL A 48 20.78 -9.69 -2.63
CA VAL A 48 20.61 -9.04 -3.92
C VAL A 48 21.13 -7.62 -3.88
N LEU A 49 20.71 -6.83 -2.90
CA LEU A 49 21.12 -5.43 -2.84
C LEU A 49 22.62 -5.31 -2.67
N SER A 50 23.23 -6.18 -1.86
CA SER A 50 24.67 -6.10 -1.69
C SER A 50 25.40 -6.37 -3.00
N SER A 51 24.79 -7.18 -3.88
CA SER A 51 25.39 -7.43 -5.18
C SER A 51 25.25 -6.21 -6.09
N LEU A 52 24.08 -5.57 -6.08
CA LEU A 52 23.89 -4.38 -6.90
C LEU A 52 24.88 -3.28 -6.51
N LEU A 53 25.04 -3.06 -5.20
CA LEU A 53 25.94 -2.02 -4.75
C LEU A 53 27.39 -2.36 -5.04
N ALA A 54 27.74 -3.65 -4.94
CA ALA A 54 29.08 -4.10 -5.30
C ALA A 54 29.40 -3.76 -6.75
N VAL A 55 28.46 -4.03 -7.66
CA VAL A 55 28.66 -3.69 -9.07
C VAL A 55 28.86 -2.20 -9.23
N TYR A 56 27.98 -1.39 -8.60
CA TYR A 56 28.09 0.05 -8.72
C TYR A 56 29.39 0.55 -8.11
N SER A 57 29.84 -0.08 -7.02
CA SER A 57 31.12 0.29 -6.42
C SER A 57 32.25 0.08 -7.42
N ASP A 58 32.36 -1.12 -7.99
CA ASP A 58 33.39 -1.39 -8.98
C ASP A 58 33.36 -0.36 -10.10
N HIS A 59 32.16 -0.01 -10.58
CA HIS A 59 32.05 0.98 -11.64
C HIS A 59 32.63 2.33 -11.21
N ILE A 60 32.15 2.85 -10.07
CA ILE A 60 32.56 4.18 -9.64
C ILE A 60 34.06 4.21 -9.35
N TYR A 61 34.59 3.13 -8.79
CA TYR A 61 36.01 3.01 -8.48
C TYR A 61 36.77 2.20 -9.53
N ARG A 62 36.24 2.11 -10.75
CA ARG A 62 36.86 1.27 -11.77
C ARG A 62 38.27 1.73 -12.09
N ASN A 63 38.56 3.02 -11.92
CA ASN A 63 39.88 3.58 -12.19
C ASN A 63 40.68 3.84 -10.92
N GLN A 64 40.25 3.28 -9.79
CA GLN A 64 40.93 3.51 -8.51
C GLN A 64 40.88 2.24 -7.66
N PRO A 65 41.51 1.16 -8.13
CA PRO A 65 41.40 -0.13 -7.42
C PRO A 65 42.11 -0.14 -6.08
N MET A 66 43.02 0.79 -5.82
CA MET A 66 43.70 0.85 -4.53
C MET A 66 42.97 1.72 -3.53
N MET A 67 42.21 2.70 -4.01
CA MET A 67 41.57 3.68 -3.13
C MET A 67 40.62 3.01 -2.14
N ILE A 68 40.73 3.41 -0.87
CA ILE A 68 39.73 3.01 0.12
C ILE A 68 38.37 3.56 -0.31
N ARG A 69 37.36 2.70 -0.31
CA ARG A 69 36.04 3.08 -0.79
C ARG A 69 35.16 3.55 0.36
N GLU A 70 34.36 4.58 0.09
CA GLU A 70 33.46 5.18 1.07
C GLU A 70 32.03 4.79 0.70
N ASN A 71 31.49 3.80 1.43
CA ASN A 71 30.17 3.27 1.10
C ASN A 71 29.07 4.31 1.26
N LYS A 72 29.28 5.32 2.12
CA LYS A 72 28.21 6.27 2.39
C LYS A 72 27.92 7.15 1.18
N PRO A 73 28.89 7.89 0.63
CA PRO A 73 28.60 8.65 -0.60
C PRO A 73 28.26 7.78 -1.78
N LEU A 74 28.69 6.51 -1.77
CA LEU A 74 28.36 5.61 -2.85
C LEU A 74 26.86 5.28 -2.85
N ILE A 75 26.34 4.86 -1.70
CA ILE A 75 24.91 4.55 -1.61
C ILE A 75 24.08 5.80 -1.82
N SER A 76 24.55 6.95 -1.33
CA SER A 76 23.85 8.21 -1.57
C SER A 76 23.65 8.42 -3.07
N LEU A 77 24.67 8.11 -3.86
CA LEU A 77 24.56 8.33 -5.31
C LEU A 77 23.69 7.27 -5.96
N TRP A 78 23.84 6.00 -5.56
CA TRP A 78 22.94 4.96 -6.02
C TRP A 78 21.48 5.34 -5.77
N ALA A 79 21.20 5.90 -4.59
CA ALA A 79 19.83 6.27 -4.24
C ALA A 79 19.39 7.52 -5.01
N GLN A 80 20.30 8.46 -5.25
CA GLN A 80 19.96 9.61 -6.09
C GLN A 80 19.50 9.16 -7.46
N TRP A 81 20.13 8.11 -8.00
CA TRP A 81 19.65 7.52 -9.24
C TRP A 81 18.24 6.95 -9.07
N TYR A 82 18.06 6.09 -8.07
CA TYR A 82 16.78 5.42 -7.89
C TYR A 82 15.66 6.42 -7.69
N ILE A 83 15.79 7.28 -6.68
CA ILE A 83 14.74 8.24 -6.38
C ILE A 83 14.67 9.33 -7.44
N GLY A 84 15.83 9.69 -8.03
CA GLY A 84 15.82 10.73 -9.05
C GLY A 84 15.10 10.33 -10.32
N LEU A 85 15.11 9.04 -10.66
CA LEU A 85 14.39 8.56 -11.83
C LEU A 85 12.94 8.23 -11.54
N MET A 86 12.63 7.79 -10.32
CA MET A 86 11.27 7.37 -10.00
C MET A 86 10.34 8.55 -9.74
N VAL A 87 10.81 9.56 -9.01
CA VAL A 87 9.92 10.58 -8.43
C VAL A 87 9.41 11.57 -9.48
N PRO A 88 10.24 12.10 -10.37
CA PRO A 88 9.79 13.19 -11.24
C PRO A 88 8.51 12.84 -11.99
N PRO A 89 8.44 11.68 -12.66
CA PRO A 89 7.19 11.36 -13.36
C PRO A 89 6.02 11.15 -12.41
N LEU A 90 6.27 10.76 -11.16
CA LEU A 90 5.18 10.54 -10.22
C LEU A 90 4.66 11.86 -9.67
N MET A 91 5.55 12.84 -9.41
CA MET A 91 5.08 14.16 -9.05
C MET A 91 4.20 14.75 -10.14
N LEU A 92 4.60 14.56 -11.40
CA LEU A 92 3.81 15.07 -12.52
C LEU A 92 2.46 14.37 -12.60
N ALA A 93 2.46 13.04 -12.46
CA ALA A 93 1.20 12.29 -12.56
C ALA A 93 0.28 12.60 -11.39
N LEU A 94 0.82 12.68 -10.17
CA LEU A 94 -0.04 12.85 -9.01
C LEU A 94 -0.56 14.28 -8.91
N LEU A 95 0.20 15.25 -9.40
CA LEU A 95 -0.15 16.65 -9.24
C LEU A 95 -0.95 17.23 -10.39
N THR A 96 -1.13 16.50 -11.49
CA THR A 96 -1.88 17.01 -12.64
C THR A 96 -2.75 15.93 -13.25
N GLN A 97 -3.32 15.05 -12.41
CA GLN A 97 -4.24 14.02 -12.86
C GLN A 97 -5.38 13.89 -11.88
N GLU A 98 -6.61 13.88 -12.41
CA GLU A 98 -7.79 13.74 -11.57
C GLU A 98 -7.72 12.44 -10.76
N LYS A 99 -7.26 11.36 -11.38
CA LYS A 99 -7.12 10.07 -10.72
C LYS A 99 -5.70 9.88 -10.24
N ALA A 100 -5.56 9.25 -9.07
CA ALA A 100 -4.27 9.07 -8.43
C ALA A 100 -3.68 7.72 -8.82
N LEU A 101 -2.45 7.74 -9.32
CA LEU A 101 -1.73 6.52 -9.61
C LEU A 101 -1.30 5.84 -8.30
N ASP A 102 -1.43 4.52 -8.26
CA ASP A 102 -0.97 3.76 -7.09
C ASP A 102 0.54 3.67 -7.11
N VAL A 103 1.17 4.04 -5.99
CA VAL A 103 2.62 4.12 -5.90
C VAL A 103 3.20 3.07 -4.96
N SER A 104 2.42 2.07 -4.57
CA SER A 104 2.95 1.02 -3.71
C SER A 104 4.15 0.38 -4.41
N PRO A 105 5.28 0.18 -3.72
CA PRO A 105 6.48 -0.30 -4.39
C PRO A 105 6.28 -1.59 -5.16
N GLU A 106 5.27 -2.38 -4.79
CA GLU A 106 5.05 -3.65 -5.47
C GLU A 106 4.51 -3.48 -6.88
N HIS A 107 4.11 -2.27 -7.28
CA HIS A 107 3.71 -2.01 -8.65
C HIS A 107 4.85 -1.49 -9.51
N PHE A 108 6.07 -1.38 -8.97
CA PHE A 108 7.19 -0.76 -9.65
C PHE A 108 8.32 -1.76 -9.80
N HIS A 109 8.50 -2.26 -11.03
CA HIS A 109 9.57 -3.19 -11.37
C HIS A 109 10.75 -2.38 -11.89
N ALA A 110 11.86 -2.37 -11.14
CA ALA A 110 13.03 -1.59 -11.48
C ALA A 110 13.97 -2.41 -12.35
N GLU A 111 14.33 -1.86 -13.51
CA GLU A 111 15.34 -2.45 -14.39
C GLU A 111 16.65 -1.73 -14.16
N PHE A 112 17.67 -2.46 -13.74
CA PHE A 112 18.93 -1.88 -13.29
C PHE A 112 19.95 -1.84 -14.42
N HIS A 113 20.60 -0.69 -14.56
CA HIS A 113 21.65 -0.52 -15.54
C HIS A 113 22.73 -1.58 -15.34
N GLU A 114 23.54 -1.78 -16.38
CA GLU A 114 24.64 -2.75 -16.27
C GLU A 114 25.66 -2.31 -15.22
N THR A 115 25.63 -1.04 -14.80
CA THR A 115 26.55 -0.53 -13.79
C THR A 115 26.03 -0.70 -12.36
N GLY A 116 24.87 -1.33 -12.18
CA GLY A 116 24.34 -1.61 -10.86
C GLY A 116 23.30 -0.63 -10.37
N ARG A 117 23.28 0.58 -10.91
CA ARG A 117 22.25 1.57 -10.58
C ARG A 117 21.02 1.33 -11.45
N VAL A 118 19.90 1.95 -11.05
CA VAL A 118 18.66 1.74 -11.78
C VAL A 118 18.70 2.47 -13.11
N ALA A 119 17.97 1.93 -14.08
CA ALA A 119 17.91 2.51 -15.42
C ALA A 119 16.50 2.87 -15.85
N CYS A 120 15.50 2.08 -15.49
CA CYS A 120 14.14 2.27 -15.99
C CYS A 120 13.18 1.61 -15.02
N PHE A 121 12.00 2.21 -14.87
CA PHE A 121 10.94 1.69 -14.03
C PHE A 121 9.77 1.23 -14.89
N TRP A 122 9.35 -0.02 -14.69
CA TRP A 122 8.24 -0.62 -15.42
C TRP A 122 7.07 -0.78 -14.45
N VAL A 123 5.97 -0.10 -14.74
CA VAL A 123 4.88 0.09 -13.78
C VAL A 123 3.64 -0.66 -14.27
N ASP A 124 3.07 -1.50 -13.39
CA ASP A 124 1.71 -1.98 -13.56
C ASP A 124 0.79 -0.92 -12.96
N VAL A 125 0.08 -0.21 -13.82
CA VAL A 125 -0.66 0.99 -13.41
C VAL A 125 -2.05 0.59 -12.93
N SER A 126 -2.38 0.98 -11.70
CA SER A 126 -3.72 0.87 -11.16
C SER A 126 -4.03 2.16 -10.41
N GLU A 127 -5.32 2.50 -10.34
CA GLU A 127 -5.72 3.68 -9.60
C GLU A 127 -5.61 3.46 -8.09
N ASP A 128 -5.16 4.49 -7.39
CA ASP A 128 -5.21 4.52 -5.93
C ASP A 128 -6.50 5.25 -5.58
N LYS A 129 -7.60 4.48 -5.48
CA LYS A 129 -8.89 5.09 -5.22
C LYS A 129 -8.98 5.73 -3.84
N ASN A 130 -8.14 5.29 -2.89
CA ASN A 130 -8.08 6.00 -1.62
C ASN A 130 -7.50 7.39 -1.78
N ALA A 131 -6.53 7.55 -2.68
CA ALA A 131 -5.78 8.79 -2.81
C ALA A 131 -6.26 9.69 -3.94
N THR A 132 -7.17 9.22 -4.79
CA THR A 132 -7.75 10.10 -5.79
C THR A 132 -8.49 11.28 -5.18
N PRO A 133 -9.28 11.12 -4.11
CA PRO A 133 -9.91 12.29 -3.47
C PRO A 133 -8.93 13.17 -2.70
N HIS A 134 -7.66 12.80 -2.59
CA HIS A 134 -6.71 13.54 -1.77
C HIS A 134 -6.22 14.79 -2.50
N SER A 135 -5.89 15.81 -1.72
CA SER A 135 -5.34 17.05 -2.25
C SER A 135 -3.91 16.84 -2.72
N PRO A 136 -3.24 17.86 -3.27
CA PRO A 136 -1.84 17.67 -3.66
C PRO A 136 -0.93 17.35 -2.49
N GLN A 137 -1.14 18.00 -1.34
CA GLN A 137 -0.31 17.73 -0.18
C GLN A 137 -0.43 16.28 0.27
N HIS A 138 -1.67 15.79 0.38
CA HIS A 138 -1.86 14.42 0.85
C HIS A 138 -1.46 13.39 -0.19
N ARG A 139 -1.45 13.77 -1.48
CA ARG A 139 -0.91 12.87 -2.49
C ARG A 139 0.61 12.77 -2.39
N MET A 140 1.27 13.89 -2.08
CA MET A 140 2.71 13.87 -1.87
C MET A 140 3.06 13.13 -0.58
N GLU A 141 2.24 13.30 0.46
CA GLU A 141 2.47 12.52 1.68
C GLU A 141 2.32 11.03 1.40
N THR A 142 1.39 10.66 0.50
CA THR A 142 1.24 9.26 0.14
C THR A 142 2.47 8.75 -0.59
N LEU A 143 2.98 9.53 -1.55
CA LEU A 143 4.24 9.18 -2.19
C LEU A 143 5.35 8.98 -1.16
N ILE A 144 5.42 9.88 -0.18
CA ILE A 144 6.44 9.78 0.86
C ILE A 144 6.24 8.50 1.67
N SER A 145 5.01 8.29 2.16
CA SER A 145 4.78 7.21 3.10
C SER A 145 4.87 5.84 2.42
N GLN A 146 4.29 5.71 1.22
CA GLN A 146 4.19 4.40 0.60
C GLN A 146 5.33 4.09 -0.36
N ALA A 147 5.81 5.09 -1.08
CA ALA A 147 6.79 4.85 -2.14
C ALA A 147 8.23 5.04 -1.67
N LEU A 148 8.50 6.07 -0.88
CA LEU A 148 9.86 6.47 -0.57
C LEU A 148 10.37 5.95 0.76
N VAL A 149 9.54 5.89 1.80
CA VAL A 149 9.99 5.39 3.08
C VAL A 149 10.48 3.95 2.96
N PRO A 150 9.77 3.04 2.30
CA PRO A 150 10.32 1.68 2.11
C PRO A 150 11.69 1.67 1.46
N VAL A 151 11.93 2.58 0.51
CA VAL A 151 13.21 2.59 -0.20
C VAL A 151 14.33 3.02 0.74
N VAL A 152 14.12 4.12 1.47
CA VAL A 152 15.14 4.58 2.42
C VAL A 152 15.41 3.51 3.47
N GLN A 153 14.35 2.84 3.93
CA GLN A 153 14.52 1.80 4.94
C GLN A 153 15.27 0.59 4.40
N ALA A 154 15.12 0.29 3.11
CA ALA A 154 15.85 -0.83 2.53
C ALA A 154 17.33 -0.53 2.48
N LEU A 155 17.70 0.71 2.18
CA LEU A 155 19.11 1.09 2.12
C LEU A 155 19.68 1.35 3.50
N GLU A 156 18.87 1.92 4.39
CA GLU A 156 19.30 2.10 5.78
C GLU A 156 19.64 0.77 6.43
N ALA A 157 19.04 -0.32 5.94
CA ALA A 157 19.27 -1.64 6.54
C ALA A 157 20.66 -2.18 6.25
N THR A 158 21.35 -1.66 5.23
CA THR A 158 22.71 -2.10 4.97
C THR A 158 23.65 -1.73 6.11
N GLY A 159 23.26 -0.75 6.94
CA GLY A 159 24.13 -0.26 7.98
C GLY A 159 25.26 0.61 7.51
N GLU A 160 25.22 1.07 6.26
CA GLU A 160 26.31 1.84 5.68
C GLU A 160 25.92 3.29 5.41
N ILE A 161 24.70 3.70 5.73
CA ILE A 161 24.26 5.07 5.50
C ILE A 161 23.08 5.36 6.40
N ASN A 162 22.99 6.60 6.87
CA ASN A 162 21.85 7.06 7.64
C ASN A 162 20.78 7.62 6.69
N GLY A 163 19.52 7.35 7.01
CA GLY A 163 18.43 7.80 6.16
C GLY A 163 18.45 9.30 5.89
N LYS A 164 18.86 10.09 6.89
CA LYS A 164 18.75 11.54 6.76
C LYS A 164 19.42 12.06 5.49
N LEU A 165 20.58 11.50 5.13
CA LEU A 165 21.25 11.95 3.92
C LEU A 165 20.39 11.68 2.69
N ILE A 166 19.75 10.51 2.63
CA ILE A 166 18.88 10.21 1.50
C ILE A 166 17.69 11.15 1.48
N TRP A 167 17.02 11.32 2.63
CA TRP A 167 15.93 12.28 2.71
C TRP A 167 16.39 13.67 2.33
N SER A 168 17.60 14.06 2.73
CA SER A 168 18.11 15.37 2.36
C SER A 168 18.16 15.52 0.85
N ASN A 169 18.73 14.52 0.16
CA ASN A 169 18.80 14.59 -1.30
C ASN A 169 17.42 14.50 -1.93
N THR A 170 16.50 13.77 -1.31
CA THR A 170 15.15 13.67 -1.85
C THR A 170 14.43 15.01 -1.71
N GLY A 171 14.55 15.66 -0.56
CA GLY A 171 13.94 16.97 -0.39
C GLY A 171 14.43 17.96 -1.41
N TYR A 172 15.74 18.00 -1.64
CA TYR A 172 16.28 18.87 -2.68
C TYR A 172 15.66 18.53 -4.03
N LEU A 173 15.60 17.24 -4.37
CA LEU A 173 15.07 16.85 -5.67
C LEU A 173 13.63 17.31 -5.85
N ILE A 174 12.77 17.01 -4.87
CA ILE A 174 11.37 17.41 -4.96
C ILE A 174 11.27 18.91 -5.13
N ASN A 175 12.04 19.66 -4.33
CA ASN A 175 11.96 21.12 -4.43
C ASN A 175 12.46 21.59 -5.80
N TRP A 176 13.47 20.92 -6.35
CA TRP A 176 13.97 21.30 -7.67
C TRP A 176 12.86 21.21 -8.72
N TYR A 177 12.06 20.14 -8.68
CA TYR A 177 11.05 19.94 -9.71
C TYR A 177 9.82 20.81 -9.49
N LEU A 178 9.45 21.09 -8.24
CA LEU A 178 8.39 22.07 -8.01
C LEU A 178 8.72 23.40 -8.68
N THR A 179 9.95 23.88 -8.49
CA THR A 179 10.37 25.10 -9.15
C THR A 179 10.37 24.93 -10.67
N GLU A 180 10.86 23.79 -11.15
CA GLU A 180 10.88 23.54 -12.59
C GLU A 180 9.47 23.39 -13.16
N MET A 181 8.53 22.92 -12.34
CA MET A 181 7.15 22.74 -12.74
C MET A 181 6.24 23.87 -12.27
N LYS A 182 6.80 25.05 -11.98
CA LYS A 182 6.02 26.04 -11.25
C LYS A 182 5.00 26.74 -12.13
N GLN A 183 5.31 26.98 -13.41
CA GLN A 183 4.30 27.49 -14.32
C GLN A 183 3.18 26.49 -14.51
N LEU A 184 3.51 25.21 -14.49
CA LEU A 184 2.51 24.17 -14.70
C LEU A 184 1.56 24.06 -13.52
N LEU A 185 2.09 24.12 -12.29
CA LEU A 185 1.32 23.84 -11.11
C LEU A 185 0.67 25.07 -10.49
N GLY A 186 1.21 26.25 -10.73
CA GLY A 186 0.67 27.46 -10.16
C GLY A 186 1.31 27.85 -8.84
N GLU A 187 1.21 29.13 -8.51
CA GLU A 187 1.83 29.65 -7.30
C GLU A 187 1.16 29.09 -6.05
N ALA A 188 -0.16 28.89 -6.09
CA ALA A 188 -0.87 28.39 -4.92
C ALA A 188 -0.35 27.02 -4.51
N THR A 189 -0.38 26.05 -5.44
CA THR A 189 0.03 24.70 -5.11
C THR A 189 1.53 24.63 -4.76
N VAL A 190 2.35 25.45 -5.42
CA VAL A 190 3.78 25.44 -5.14
C VAL A 190 4.04 25.90 -3.70
N GLU A 191 3.53 27.08 -3.34
CA GLU A 191 3.72 27.58 -1.99
C GLU A 191 3.17 26.60 -0.96
N SER A 192 1.98 26.06 -1.21
CA SER A 192 1.38 25.14 -0.25
C SER A 192 2.28 23.93 -0.03
N LEU A 193 2.77 23.32 -1.11
CA LEU A 193 3.58 22.12 -0.96
C LEU A 193 4.91 22.41 -0.29
N ARG A 194 5.56 23.52 -0.67
CA ARG A 194 6.83 23.88 -0.05
C ARG A 194 6.68 24.00 1.46
N HIS A 195 5.72 24.80 1.91
CA HIS A 195 5.52 24.95 3.34
C HIS A 195 5.25 23.59 3.99
N ALA A 196 4.28 22.85 3.46
CA ALA A 196 3.91 21.58 4.08
C ALA A 196 5.06 20.59 4.09
N LEU A 197 5.80 20.50 2.98
CA LEU A 197 6.85 19.49 2.88
C LEU A 197 8.10 19.88 3.64
N PHE A 198 8.49 21.16 3.61
CA PHE A 198 9.81 21.57 4.07
C PHE A 198 9.82 22.39 5.35
N PHE A 199 8.69 22.95 5.77
CA PHE A 199 8.66 23.80 6.97
C PHE A 199 7.67 23.31 8.02
N GLU A 200 7.15 22.09 7.89
CA GLU A 200 6.27 21.50 8.90
C GLU A 200 6.94 20.25 9.45
N LYS A 201 7.13 20.22 10.78
CA LYS A 201 7.82 19.10 11.42
C LYS A 201 7.06 17.80 11.25
N THR A 202 5.73 17.86 11.22
CA THR A 202 4.90 16.66 11.21
C THR A 202 4.08 16.58 9.94
N LEU A 203 3.77 15.35 9.55
CA LEU A 203 2.79 15.13 8.49
C LEU A 203 1.39 15.39 9.02
N THR A 204 0.42 15.46 8.10
CA THR A 204 -0.96 15.68 8.51
C THR A 204 -1.47 14.56 9.40
N ASN A 205 -0.85 13.37 9.35
CA ASN A 205 -1.23 12.24 10.18
C ASN A 205 -0.41 12.14 11.46
N GLY A 206 0.28 13.22 11.84
CA GLY A 206 1.03 13.26 13.08
C GLY A 206 2.48 12.82 12.99
N GLU A 207 2.74 11.74 12.25
CA GLU A 207 4.09 11.19 12.16
C GLU A 207 5.08 12.25 11.67
N ASP A 208 6.38 11.93 11.82
CA ASP A 208 7.44 12.84 11.43
C ASP A 208 7.49 13.01 9.91
N ASN A 209 7.68 14.26 9.48
CA ASN A 209 7.89 14.55 8.07
C ASN A 209 9.38 14.44 7.76
N PRO A 210 9.84 13.41 7.05
CA PRO A 210 11.29 13.25 6.85
C PRO A 210 11.89 14.28 5.90
N LEU A 211 11.08 15.12 5.27
CA LEU A 211 11.59 16.18 4.41
C LEU A 211 11.74 17.51 5.14
N TRP A 212 11.36 17.57 6.42
CA TRP A 212 11.50 18.81 7.18
C TRP A 212 12.94 19.28 7.18
N ARG A 213 13.14 20.55 6.82
CA ARG A 213 14.45 21.20 6.86
C ARG A 213 15.47 20.53 5.96
N THR A 214 15.02 19.78 4.96
CA THR A 214 15.94 19.32 3.92
C THR A 214 16.26 20.43 2.93
N VAL A 215 15.42 21.45 2.83
CA VAL A 215 15.72 22.69 2.15
C VAL A 215 15.42 23.83 3.10
N VAL A 216 16.21 24.90 3.02
CA VAL A 216 16.10 26.02 3.95
C VAL A 216 16.16 27.31 3.16
N LEU A 217 15.76 28.39 3.83
CA LEU A 217 15.68 29.70 3.19
C LEU A 217 16.97 30.47 3.44
N ARG A 218 17.67 30.81 2.36
CA ARG A 218 18.88 31.63 2.43
C ARG A 218 18.78 32.67 1.33
N ASP A 219 18.68 33.95 1.71
CA ASP A 219 18.47 35.04 0.77
C ASP A 219 17.14 34.88 0.04
N GLY A 220 16.12 34.44 0.77
CA GLY A 220 14.78 34.32 0.21
C GLY A 220 14.64 33.33 -0.92
N LEU A 221 15.53 32.34 -1.01
CA LEU A 221 15.38 31.28 -1.99
C LEU A 221 15.71 29.94 -1.34
N LEU A 222 15.06 28.89 -1.84
CA LEU A 222 15.17 27.57 -1.24
C LEU A 222 16.41 26.85 -1.75
N VAL A 223 17.33 26.51 -0.84
CA VAL A 223 18.57 25.84 -1.16
C VAL A 223 18.70 24.61 -0.27
N ARG A 224 19.52 23.66 -0.71
CA ARG A 224 19.67 22.42 0.05
C ARG A 224 20.45 22.70 1.33
N ARG A 225 20.04 22.04 2.41
CA ARG A 225 20.72 22.18 3.68
C ARG A 225 21.89 21.21 3.83
N THR A 226 21.90 20.11 3.08
CA THR A 226 22.88 19.05 3.25
C THR A 226 23.44 18.65 1.89
N CYS A 227 24.73 18.33 1.88
CA CYS A 227 25.42 17.94 0.65
C CYS A 227 25.24 16.45 0.40
N CYS A 228 25.08 16.10 -0.88
CA CYS A 228 24.88 14.70 -1.27
C CYS A 228 26.15 13.88 -1.17
N GLN A 229 27.31 14.51 -0.98
CA GLN A 229 28.60 13.86 -0.78
C GLN A 229 29.13 13.14 -2.01
N ARG A 230 28.53 13.34 -3.18
CA ARG A 230 29.04 12.66 -4.37
C ARG A 230 30.43 13.14 -4.75
N TYR A 231 30.87 14.28 -4.23
CA TYR A 231 32.23 14.75 -4.52
C TYR A 231 33.29 13.86 -3.91
N ARG A 232 32.94 13.07 -2.88
CA ARG A 232 33.91 12.20 -2.25
C ARG A 232 34.24 10.97 -3.09
N LEU A 233 33.54 10.78 -4.21
CA LEU A 233 33.75 9.63 -5.09
C LEU A 233 34.69 10.01 -6.23
N PRO A 234 35.57 9.10 -6.66
CA PRO A 234 36.51 9.46 -7.72
C PRO A 234 35.82 9.64 -9.06
N ASP A 235 36.19 10.70 -9.77
CA ASP A 235 35.67 10.99 -11.10
C ASP A 235 34.17 11.25 -11.08
N VAL A 236 33.67 11.78 -9.97
CA VAL A 236 32.29 12.24 -9.85
C VAL A 236 32.36 13.69 -9.39
N GLN A 237 31.69 14.57 -10.11
CA GLN A 237 31.84 16.01 -9.91
C GLN A 237 30.92 16.54 -8.82
N GLN A 238 31.43 17.53 -8.10
CA GLN A 238 30.62 18.27 -7.14
C GLN A 238 29.42 18.89 -7.84
N CYS A 239 28.26 18.80 -7.20
CA CYS A 239 27.04 19.39 -7.75
C CYS A 239 27.21 20.90 -7.86
N GLY A 240 26.51 21.49 -8.83
CA GLY A 240 26.62 22.92 -9.04
C GLY A 240 25.99 23.73 -7.92
N ASP A 241 24.99 23.17 -7.23
CA ASP A 241 24.40 23.84 -6.08
C ASP A 241 24.69 23.02 -4.81
N CYS A 242 25.98 22.82 -4.54
CA CYS A 242 26.41 22.14 -3.33
C CYS A 242 26.46 23.12 -2.17
N THR A 243 26.29 22.59 -0.95
CA THR A 243 26.39 23.43 0.24
C THR A 243 27.79 24.01 0.39
N LEU A 244 28.79 23.39 -0.22
CA LEU A 244 30.19 23.79 -0.03
C LEU A 244 30.50 25.05 -0.83
N PRO B 3 -19.09 21.12 26.49
CA PRO B 3 -18.45 19.80 26.48
C PRO B 3 -17.42 19.66 25.36
N GLN B 4 -17.19 18.41 24.93
CA GLN B 4 -16.29 18.14 23.83
C GLN B 4 -16.84 16.96 23.03
N ASP B 5 -16.55 16.95 21.74
CA ASP B 5 -17.15 15.93 20.88
C ASP B 5 -16.19 14.76 20.70
N PRO B 6 -16.71 13.54 20.55
CA PRO B 6 -15.82 12.38 20.45
C PRO B 6 -15.02 12.39 19.15
N THR B 7 -13.83 11.82 19.22
CA THR B 7 -13.09 11.51 18.00
C THR B 7 -13.78 10.38 17.26
N LEU B 8 -13.46 10.24 15.97
CA LEU B 8 -14.02 9.13 15.21
C LEU B 8 -13.68 7.81 15.87
N ALA B 9 -12.46 7.69 16.41
CA ALA B 9 -12.08 6.47 17.12
C ALA B 9 -13.01 6.20 18.29
N GLN B 10 -13.22 7.21 19.15
CA GLN B 10 -14.13 7.06 20.27
C GLN B 10 -15.56 6.80 19.79
N ALA B 11 -15.94 7.42 18.67
CA ALA B 11 -17.26 7.19 18.12
C ALA B 11 -17.44 5.73 17.72
N VAL B 12 -16.57 5.24 16.85
CA VAL B 12 -16.64 3.84 16.42
C VAL B 12 -16.63 2.92 17.64
N ARG B 13 -15.68 3.13 18.55
CA ARG B 13 -15.57 2.27 19.72
C ARG B 13 -16.87 2.23 20.50
N ALA B 14 -17.49 3.39 20.71
CA ALA B 14 -18.76 3.43 21.42
C ALA B 14 -19.86 2.71 20.64
N THR B 15 -19.87 2.87 19.32
CA THR B 15 -20.92 2.23 18.53
C THR B 15 -20.81 0.71 18.59
N ILE B 16 -19.59 0.19 18.64
CA ILE B 16 -19.41 -1.26 18.68
C ILE B 16 -19.67 -1.79 20.09
N ALA B 17 -19.22 -1.07 21.12
CA ALA B 17 -19.57 -1.46 22.47
C ALA B 17 -21.09 -1.51 22.64
N LYS B 18 -21.79 -0.55 22.05
CA LYS B 18 -23.24 -0.51 22.09
C LYS B 18 -23.83 -1.80 21.51
N HIS B 19 -23.58 -2.05 20.22
CA HIS B 19 -24.34 -3.05 19.47
C HIS B 19 -23.69 -4.43 19.45
N ARG B 20 -22.36 -4.50 19.33
CA ARG B 20 -21.64 -5.77 19.19
C ARG B 20 -20.34 -5.71 19.99
N GLU B 21 -20.47 -5.70 21.32
CA GLU B 21 -19.32 -5.49 22.18
C GLU B 21 -18.24 -6.54 21.98
N HIS B 22 -18.61 -7.75 21.55
CA HIS B 22 -17.61 -8.82 21.46
C HIS B 22 -16.57 -8.52 20.38
N LEU B 23 -16.93 -7.75 19.35
CA LEU B 23 -15.98 -7.49 18.27
C LEU B 23 -14.77 -6.67 18.74
N LEU B 24 -14.87 -6.00 19.88
CA LEU B 24 -13.78 -5.17 20.37
C LEU B 24 -12.57 -6.00 20.79
N GLU B 25 -12.70 -7.33 20.87
CA GLU B 25 -11.57 -8.16 21.25
C GLU B 25 -10.50 -8.18 20.17
N PHE B 26 -10.89 -8.01 18.90
CA PHE B 26 -9.99 -8.18 17.78
C PHE B 26 -9.69 -6.89 17.03
N ILE B 27 -10.12 -5.75 17.57
CA ILE B 27 -9.87 -4.46 16.95
C ILE B 27 -9.50 -3.47 18.04
N ARG B 28 -8.51 -2.64 17.75
CA ARG B 28 -8.09 -1.56 18.63
C ARG B 28 -8.12 -0.26 17.83
N LEU B 29 -8.65 0.79 18.45
CA LEU B 29 -8.94 2.03 17.76
C LEU B 29 -8.10 3.16 18.35
N ASP B 30 -7.21 3.72 17.53
CA ASP B 30 -6.33 4.82 17.94
C ASP B 30 -5.47 4.43 19.13
N GLU B 31 -5.05 3.17 19.17
CA GLU B 31 -4.06 2.71 20.11
C GLU B 31 -2.77 2.34 19.37
N PRO B 32 -1.63 2.44 20.03
CA PRO B 32 -0.36 2.15 19.33
C PRO B 32 -0.24 0.66 19.03
N ALA B 33 0.21 0.37 17.83
CA ALA B 33 0.36 -1.03 17.46
C ALA B 33 1.64 -1.59 18.06
N PRO B 34 1.68 -2.89 18.34
CA PRO B 34 2.92 -3.51 18.81
C PRO B 34 3.99 -3.47 17.72
N LEU B 35 5.22 -3.78 18.13
CA LEU B 35 6.35 -3.73 17.20
C LEU B 35 6.20 -4.76 16.08
N ASN B 36 5.72 -5.96 16.41
CA ASN B 36 5.64 -7.04 15.44
C ASN B 36 4.49 -6.89 14.45
N ALA B 37 3.56 -5.99 14.71
CA ALA B 37 2.41 -5.81 13.82
C ALA B 37 2.86 -5.23 12.48
N MET B 38 2.12 -5.58 11.42
CA MET B 38 2.47 -5.20 10.07
C MET B 38 1.23 -4.76 9.31
N THR B 39 1.40 -3.77 8.43
CA THR B 39 0.37 -3.41 7.49
C THR B 39 0.41 -4.36 6.29
N LEU B 40 -0.64 -4.29 5.46
CA LEU B 40 -0.70 -5.13 4.28
C LEU B 40 0.59 -5.02 3.46
N ALA B 41 1.04 -3.80 3.20
CA ALA B 41 2.26 -3.60 2.43
C ALA B 41 3.41 -4.40 3.03
N GLN B 42 3.49 -4.45 4.36
CA GLN B 42 4.59 -5.14 5.01
C GLN B 42 4.41 -6.65 4.98
N TRP B 43 3.27 -7.15 5.47
CA TRP B 43 3.12 -8.61 5.58
C TRP B 43 2.86 -9.27 4.22
N SER B 44 2.45 -8.50 3.21
CA SER B 44 2.23 -9.07 1.88
C SER B 44 3.53 -9.29 1.11
N SER B 45 4.64 -8.77 1.58
CA SER B 45 5.91 -9.00 0.91
C SER B 45 6.14 -10.50 0.79
N PRO B 46 6.57 -11.02 -0.36
CA PRO B 46 6.55 -12.48 -0.56
C PRO B 46 7.33 -13.24 0.49
N ASN B 47 8.49 -12.73 0.91
CA ASN B 47 9.25 -13.42 1.95
C ASN B 47 8.53 -13.37 3.29
N VAL B 48 7.98 -12.20 3.65
CA VAL B 48 7.27 -12.08 4.92
C VAL B 48 6.04 -12.98 4.91
N LEU B 49 5.22 -12.87 3.87
CA LEU B 49 4.00 -13.67 3.80
C LEU B 49 4.30 -15.16 3.76
N SER B 50 5.37 -15.55 3.06
CA SER B 50 5.72 -16.97 2.99
C SER B 50 6.08 -17.52 4.36
N SER B 51 6.64 -16.67 5.24
CA SER B 51 6.96 -17.13 6.58
C SER B 51 5.71 -17.32 7.43
N LEU B 52 4.76 -16.38 7.33
CA LEU B 52 3.52 -16.51 8.08
C LEU B 52 2.77 -17.78 7.67
N LEU B 53 2.69 -18.05 6.37
CA LEU B 53 1.95 -19.22 5.90
C LEU B 53 2.67 -20.51 6.27
N ALA B 54 4.00 -20.49 6.24
CA ALA B 54 4.77 -21.65 6.69
C ALA B 54 4.43 -21.98 8.13
N VAL B 55 4.38 -20.96 9.00
CA VAL B 55 4.00 -21.19 10.38
C VAL B 55 2.61 -21.78 10.48
N TYR B 56 1.65 -21.18 9.76
CA TYR B 56 0.28 -21.68 9.82
C TYR B 56 0.19 -23.08 9.25
N SER B 57 0.98 -23.37 8.23
CA SER B 57 1.01 -24.73 7.67
C SER B 57 1.45 -25.73 8.72
N ASP B 58 2.61 -25.48 9.33
CA ASP B 58 3.09 -26.38 10.39
C ASP B 58 2.03 -26.55 11.47
N HIS B 59 1.38 -25.46 11.87
CA HIS B 59 0.36 -25.54 12.91
C HIS B 59 -0.79 -26.45 12.48
N ILE B 60 -1.37 -26.20 11.30
CA ILE B 60 -2.53 -26.97 10.86
C ILE B 60 -2.16 -28.43 10.65
N TYR B 61 -0.95 -28.68 10.16
CA TYR B 61 -0.46 -30.04 9.93
C TYR B 61 0.46 -30.54 11.05
N ARG B 62 0.33 -29.96 12.24
CA ARG B 62 1.23 -30.31 13.33
C ARG B 62 1.14 -31.80 13.69
N ASN B 63 -0.03 -32.40 13.48
CA ASN B 63 -0.24 -33.81 13.79
C ASN B 63 -0.18 -34.70 12.56
N GLN B 64 0.33 -34.19 11.44
CA GLN B 64 0.42 -34.94 10.19
C GLN B 64 1.69 -34.51 9.46
N PRO B 65 2.86 -34.76 10.05
CA PRO B 65 4.10 -34.26 9.45
C PRO B 65 4.47 -34.93 8.13
N MET B 66 3.91 -36.10 7.82
CA MET B 66 4.17 -36.75 6.55
C MET B 66 3.17 -36.38 5.47
N MET B 67 1.96 -35.99 5.86
CA MET B 67 0.88 -35.76 4.89
C MET B 67 1.29 -34.69 3.87
N ILE B 68 1.00 -34.97 2.60
CA ILE B 68 1.14 -33.95 1.57
C ILE B 68 0.21 -32.80 1.90
N ARG B 69 0.74 -31.59 1.87
CA ARG B 69 -0.01 -30.41 2.27
C ARG B 69 -0.64 -29.74 1.04
N GLU B 70 -1.85 -29.25 1.23
CA GLU B 70 -2.64 -28.61 0.17
C GLU B 70 -2.65 -27.11 0.45
N ASN B 71 -1.84 -26.36 -0.29
CA ASN B 71 -1.70 -24.94 -0.03
C ASN B 71 -3.00 -24.17 -0.28
N LYS B 72 -3.88 -24.70 -1.14
CA LYS B 72 -5.07 -23.93 -1.49
C LYS B 72 -6.05 -23.83 -0.32
N PRO B 73 -6.54 -24.92 0.25
CA PRO B 73 -7.42 -24.78 1.42
C PRO B 73 -6.72 -24.18 2.62
N LEU B 74 -5.39 -24.28 2.69
CA LEU B 74 -4.65 -23.68 3.80
C LEU B 74 -4.72 -22.16 3.74
N ILE B 75 -4.40 -21.58 2.58
CA ILE B 75 -4.49 -20.13 2.44
C ILE B 75 -5.93 -19.66 2.58
N SER B 76 -6.87 -20.44 2.05
CA SER B 76 -8.28 -20.09 2.21
C SER B 76 -8.64 -19.88 3.66
N LEU B 77 -8.12 -20.73 4.55
CA LEU B 77 -8.45 -20.61 5.97
C LEU B 77 -7.69 -19.46 6.61
N TRP B 78 -6.41 -19.31 6.28
CA TRP B 78 -5.65 -18.14 6.72
C TRP B 78 -6.38 -16.86 6.33
N ALA B 79 -6.94 -16.81 5.12
CA ALA B 79 -7.64 -15.61 4.68
C ALA B 79 -8.98 -15.47 5.38
N GLN B 80 -9.67 -16.58 5.63
CA GLN B 80 -10.90 -16.53 6.41
C GLN B 80 -10.66 -15.93 7.78
N TRP B 81 -9.50 -16.24 8.40
CA TRP B 81 -9.13 -15.56 9.63
C TRP B 81 -8.95 -14.07 9.39
N TYR B 82 -8.12 -13.71 8.41
CA TYR B 82 -7.80 -12.30 8.19
C TYR B 82 -9.05 -11.50 7.90
N ILE B 83 -9.80 -11.90 6.86
CA ILE B 83 -10.98 -11.15 6.47
C ILE B 83 -12.09 -11.31 7.50
N GLY B 84 -12.19 -12.47 8.15
CA GLY B 84 -13.24 -12.69 9.12
C GLY B 84 -13.12 -11.83 10.36
N LEU B 85 -11.89 -11.46 10.74
CA LEU B 85 -11.67 -10.60 11.88
C LEU B 85 -11.75 -9.11 11.52
N MET B 86 -11.38 -8.75 10.29
CA MET B 86 -11.33 -7.35 9.90
C MET B 86 -12.70 -6.81 9.55
N VAL B 87 -13.51 -7.58 8.83
CA VAL B 87 -14.70 -7.06 8.17
C VAL B 87 -15.83 -6.75 9.15
N PRO B 88 -16.16 -7.62 10.11
CA PRO B 88 -17.37 -7.41 10.92
C PRO B 88 -17.41 -6.05 11.58
N PRO B 89 -16.34 -5.62 12.27
CA PRO B 89 -16.40 -4.27 12.88
C PRO B 89 -16.47 -3.15 11.86
N LEU B 90 -15.95 -3.35 10.65
CA LEU B 90 -16.00 -2.31 9.63
C LEU B 90 -17.39 -2.19 9.01
N MET B 91 -18.06 -3.32 8.79
CA MET B 91 -19.46 -3.26 8.39
C MET B 91 -20.29 -2.54 9.45
N LEU B 92 -20.00 -2.79 10.72
CA LEU B 92 -20.73 -2.14 11.79
C LEU B 92 -20.44 -0.64 11.81
N ALA B 93 -19.17 -0.27 11.71
CA ALA B 93 -18.81 1.15 11.74
C ALA B 93 -19.31 1.90 10.52
N LEU B 94 -19.16 1.31 9.33
CA LEU B 94 -19.52 2.03 8.11
C LEU B 94 -21.02 2.13 7.91
N LEU B 95 -21.79 1.16 8.40
CA LEU B 95 -23.22 1.11 8.13
C LEU B 95 -24.06 1.81 9.19
N THR B 96 -23.48 2.24 10.31
CA THR B 96 -24.24 2.90 11.36
C THR B 96 -23.47 4.07 11.95
N GLN B 97 -22.71 4.79 11.13
CA GLN B 97 -22.03 6.00 11.58
C GLN B 97 -22.09 7.05 10.48
N GLU B 98 -22.48 8.27 10.86
CA GLU B 98 -22.57 9.36 9.89
C GLU B 98 -21.24 9.57 9.19
N LYS B 99 -20.13 9.49 9.92
CA LYS B 99 -18.80 9.65 9.35
C LYS B 99 -18.22 8.29 9.04
N ALA B 100 -17.55 8.20 7.89
CA ALA B 100 -17.00 6.95 7.39
C ALA B 100 -15.54 6.80 7.82
N LEU B 101 -15.22 5.68 8.44
CA LEU B 101 -13.83 5.37 8.76
C LEU B 101 -13.04 5.07 7.50
N ASP B 102 -11.81 5.58 7.45
CA ASP B 102 -10.92 5.27 6.34
C ASP B 102 -10.42 3.84 6.47
N VAL B 103 -10.56 3.07 5.41
CA VAL B 103 -10.25 1.65 5.42
C VAL B 103 -9.03 1.32 4.57
N SER B 104 -8.27 2.34 4.17
CA SER B 104 -7.05 2.10 3.40
C SER B 104 -6.14 1.17 4.20
N PRO B 105 -5.61 0.11 3.61
CA PRO B 105 -4.84 -0.85 4.40
C PRO B 105 -3.68 -0.24 5.17
N GLU B 106 -3.18 0.93 4.77
CA GLU B 106 -2.04 1.50 5.48
C GLU B 106 -2.41 1.99 6.88
N HIS B 107 -3.71 2.07 7.20
CA HIS B 107 -4.15 2.44 8.54
C HIS B 107 -4.42 1.23 9.42
N PHE B 108 -4.18 0.02 8.92
CA PHE B 108 -4.52 -1.21 9.62
C PHE B 108 -3.25 -2.02 9.87
N HIS B 109 -2.80 -2.01 11.12
CA HIS B 109 -1.63 -2.77 11.54
C HIS B 109 -2.09 -4.12 12.07
N ALA B 110 -1.75 -5.18 11.37
CA ALA B 110 -2.19 -6.53 11.74
C ALA B 110 -1.20 -7.17 12.69
N GLU B 111 -1.70 -7.62 13.84
CA GLU B 111 -0.91 -8.39 14.79
C GLU B 111 -1.25 -9.85 14.61
N PHE B 112 -0.23 -10.66 14.29
CA PHE B 112 -0.45 -12.04 13.89
C PHE B 112 -0.26 -12.97 15.08
N HIS B 113 -1.22 -13.90 15.23
CA HIS B 113 -1.16 -14.89 16.29
C HIS B 113 0.13 -15.70 16.19
N GLU B 114 0.45 -16.40 17.28
CA GLU B 114 1.64 -17.24 17.29
C GLU B 114 1.54 -18.38 16.28
N THR B 115 0.35 -18.67 15.78
CA THR B 115 0.18 -19.72 14.79
C THR B 115 0.30 -19.22 13.36
N GLY B 116 0.61 -17.93 13.14
CA GLY B 116 0.81 -17.38 11.82
C GLY B 116 -0.39 -16.66 11.23
N ARG B 117 -1.59 -16.96 11.72
CA ARG B 117 -2.80 -16.27 11.32
C ARG B 117 -2.96 -14.97 12.11
N VAL B 118 -3.87 -14.11 11.64
CA VAL B 118 -4.06 -12.81 12.29
C VAL B 118 -4.79 -13.00 13.63
N ALA B 119 -4.51 -12.10 14.56
CA ALA B 119 -5.12 -12.13 15.89
C ALA B 119 -5.88 -10.85 16.22
N CYS B 120 -5.37 -9.70 15.80
CA CYS B 120 -5.93 -8.41 16.19
C CYS B 120 -5.48 -7.36 15.20
N PHE B 121 -6.37 -6.40 14.94
CA PHE B 121 -6.09 -5.28 14.04
C PHE B 121 -6.01 -4.00 14.86
N TRP B 122 -4.91 -3.27 14.68
CA TRP B 122 -4.66 -2.02 15.37
C TRP B 122 -4.79 -0.89 14.36
N VAL B 123 -5.76 -0.02 14.56
CA VAL B 123 -6.19 0.94 13.54
C VAL B 123 -5.87 2.36 14.01
N ASP B 124 -5.19 3.12 13.16
CA ASP B 124 -5.13 4.57 13.30
C ASP B 124 -6.36 5.13 12.59
N VAL B 125 -7.30 5.64 13.37
CA VAL B 125 -8.63 5.99 12.89
C VAL B 125 -8.61 7.40 12.34
N SER B 126 -9.01 7.55 11.08
CA SER B 126 -9.23 8.86 10.47
C SER B 126 -10.51 8.81 9.66
N GLU B 127 -11.15 9.96 9.51
CA GLU B 127 -12.35 10.04 8.69
C GLU B 127 -11.98 9.95 7.22
N ASP B 128 -12.80 9.19 6.47
CA ASP B 128 -12.72 9.14 5.02
C ASP B 128 -13.75 10.13 4.48
N LYS B 129 -13.33 11.37 4.28
CA LYS B 129 -14.24 12.40 3.81
C LYS B 129 -14.73 12.10 2.40
N ASN B 130 -13.98 11.31 1.63
CA ASN B 130 -14.47 10.83 0.34
C ASN B 130 -15.66 9.90 0.53
N ALA B 131 -15.61 9.04 1.56
CA ALA B 131 -16.60 7.99 1.73
C ALA B 131 -17.69 8.35 2.74
N THR B 132 -17.54 9.44 3.48
CA THR B 132 -18.62 9.88 4.35
C THR B 132 -19.89 10.24 3.59
N PRO B 133 -19.84 10.89 2.43
CA PRO B 133 -21.07 11.15 1.66
C PRO B 133 -21.69 9.92 1.03
N HIS B 134 -21.03 8.76 1.09
CA HIS B 134 -21.52 7.58 0.40
C HIS B 134 -22.66 6.90 1.16
N SER B 135 -23.57 6.29 0.40
CA SER B 135 -24.69 5.51 0.91
C SER B 135 -24.19 4.19 1.47
N PRO B 136 -25.06 3.32 1.98
CA PRO B 136 -24.57 2.01 2.44
C PRO B 136 -23.96 1.18 1.32
N GLN B 137 -24.55 1.22 0.12
CA GLN B 137 -24.00 0.46 -0.99
C GLN B 137 -22.59 0.96 -1.34
N HIS B 138 -22.42 2.27 -1.48
CA HIS B 138 -21.12 2.80 -1.88
C HIS B 138 -20.09 2.71 -0.76
N ARG B 139 -20.52 2.64 0.49
CA ARG B 139 -19.57 2.40 1.57
C ARG B 139 -19.07 0.96 1.55
N MET B 140 -19.95 0.02 1.24
CA MET B 140 -19.51 -1.37 1.07
C MET B 140 -18.65 -1.51 -0.17
N GLU B 141 -18.97 -0.79 -1.24
CA GLU B 141 -18.11 -0.81 -2.42
C GLU B 141 -16.74 -0.25 -2.09
N THR B 142 -16.68 0.77 -1.22
CA THR B 142 -15.38 1.30 -0.81
C THR B 142 -14.61 0.27 0.00
N LEU B 143 -15.27 -0.37 0.96
CA LEU B 143 -14.63 -1.46 1.70
C LEU B 143 -14.10 -2.53 0.76
N ILE B 144 -14.90 -2.92 -0.23
CA ILE B 144 -14.47 -3.94 -1.18
C ILE B 144 -13.28 -3.44 -1.99
N SER B 145 -13.40 -2.24 -2.56
CA SER B 145 -12.38 -1.76 -3.49
C SER B 145 -11.08 -1.42 -2.77
N GLN B 146 -11.17 -0.78 -1.60
CA GLN B 146 -9.98 -0.23 -0.94
C GLN B 146 -9.37 -1.16 0.10
N ALA B 147 -10.19 -1.89 0.85
CA ALA B 147 -9.71 -2.72 1.95
C ALA B 147 -9.48 -4.17 1.57
N LEU B 148 -10.39 -4.76 0.78
CA LEU B 148 -10.37 -6.19 0.54
C LEU B 148 -9.67 -6.59 -0.75
N VAL B 149 -9.83 -5.81 -1.82
CA VAL B 149 -9.15 -6.16 -3.08
C VAL B 149 -7.64 -6.20 -2.88
N PRO B 150 -7.01 -5.25 -2.21
CA PRO B 150 -5.56 -5.39 -1.96
C PRO B 150 -5.20 -6.69 -1.24
N VAL B 151 -6.05 -7.15 -0.34
CA VAL B 151 -5.73 -8.37 0.42
C VAL B 151 -5.80 -9.59 -0.48
N VAL B 152 -6.87 -9.73 -1.25
CA VAL B 152 -6.99 -10.88 -2.16
C VAL B 152 -5.84 -10.90 -3.14
N GLN B 153 -5.45 -9.72 -3.64
CA GLN B 153 -4.35 -9.67 -4.61
C GLN B 153 -3.03 -10.05 -3.96
N ALA B 154 -2.85 -9.74 -2.67
CA ALA B 154 -1.61 -10.11 -2.00
C ALA B 154 -1.50 -11.63 -1.87
N LEU B 155 -2.61 -12.30 -1.60
CA LEU B 155 -2.58 -13.76 -1.46
C LEU B 155 -2.60 -14.44 -2.82
N GLU B 156 -3.35 -13.88 -3.78
CA GLU B 156 -3.33 -14.41 -5.14
C GLU B 156 -1.93 -14.40 -5.73
N ALA B 157 -1.05 -13.51 -5.24
CA ALA B 157 0.29 -13.40 -5.79
C ALA B 157 1.18 -14.59 -5.43
N THR B 158 0.82 -15.35 -4.40
CA THR B 158 1.61 -16.54 -4.07
C THR B 158 1.56 -17.58 -5.18
N GLY B 159 0.56 -17.51 -6.06
CA GLY B 159 0.39 -18.51 -7.09
C GLY B 159 -0.18 -19.82 -6.59
N GLU B 160 -0.69 -19.87 -5.37
CA GLU B 160 -1.17 -21.09 -4.75
C GLU B 160 -2.68 -21.11 -4.54
N ILE B 161 -3.39 -20.05 -4.92
CA ILE B 161 -4.83 -19.98 -4.73
C ILE B 161 -5.39 -19.00 -5.72
N ASN B 162 -6.61 -19.27 -6.19
CA ASN B 162 -7.33 -18.35 -7.06
C ASN B 162 -8.15 -17.38 -6.22
N GLY B 163 -8.18 -16.12 -6.65
CA GLY B 163 -8.93 -15.11 -5.93
C GLY B 163 -10.38 -15.49 -5.70
N LYS B 164 -10.98 -16.20 -6.67
CA LYS B 164 -12.41 -16.48 -6.61
C LYS B 164 -12.79 -17.16 -5.30
N LEU B 165 -11.96 -18.10 -4.84
CA LEU B 165 -12.28 -18.81 -3.61
C LEU B 165 -12.32 -17.85 -2.43
N ILE B 166 -11.38 -16.91 -2.37
CA ILE B 166 -11.38 -15.94 -1.28
C ILE B 166 -12.62 -15.06 -1.35
N TRP B 167 -12.90 -14.51 -2.53
CA TRP B 167 -14.13 -13.73 -2.71
C TRP B 167 -15.35 -14.54 -2.33
N SER B 168 -15.38 -15.82 -2.70
CA SER B 168 -16.51 -16.67 -2.34
C SER B 168 -16.69 -16.71 -0.83
N ASN B 169 -15.60 -16.95 -0.09
CA ASN B 169 -15.70 -16.97 1.36
C ASN B 169 -16.06 -15.60 1.92
N THR B 170 -15.59 -14.54 1.29
CA THR B 170 -15.91 -13.19 1.74
C THR B 170 -17.38 -12.87 1.52
N GLY B 171 -17.91 -13.23 0.35
CA GLY B 171 -19.32 -12.97 0.09
C GLY B 171 -20.22 -13.65 1.11
N TYR B 172 -19.93 -14.93 1.41
CA TYR B 172 -20.71 -15.62 2.42
C TYR B 172 -20.63 -14.88 3.76
N LEU B 173 -19.43 -14.49 4.16
CA LEU B 173 -19.26 -13.83 5.45
C LEU B 173 -20.07 -12.54 5.50
N ILE B 174 -19.90 -11.68 4.50
CA ILE B 174 -20.64 -10.42 4.46
C ILE B 174 -22.14 -10.68 4.54
N ASN B 175 -22.62 -11.66 3.77
CA ASN B 175 -24.05 -11.97 3.81
C ASN B 175 -24.44 -12.51 5.17
N TRP B 176 -23.56 -13.27 5.82
CA TRP B 176 -23.86 -13.79 7.15
C TRP B 176 -24.12 -12.65 8.14
N TYR B 177 -23.31 -11.60 8.08
CA TYR B 177 -23.43 -10.52 9.05
C TYR B 177 -24.60 -9.59 8.74
N LEU B 178 -24.92 -9.39 7.45
CA LEU B 178 -26.14 -8.64 7.12
C LEU B 178 -27.33 -9.27 7.80
N THR B 179 -27.46 -10.59 7.68
CA THR B 179 -28.55 -11.29 8.36
C THR B 179 -28.44 -11.15 9.87
N GLU B 180 -27.23 -11.27 10.41
CA GLU B 180 -27.04 -11.13 11.85
C GLU B 180 -27.31 -9.71 12.32
N MET B 181 -27.07 -8.71 11.46
CA MET B 181 -27.28 -7.31 11.79
C MET B 181 -28.57 -6.75 11.22
N LYS B 182 -29.54 -7.60 10.87
CA LYS B 182 -30.64 -7.11 10.05
C LYS B 182 -31.65 -6.28 10.83
N GLN B 183 -31.90 -6.62 12.09
CA GLN B 183 -32.74 -5.74 12.91
C GLN B 183 -32.08 -4.38 13.08
N LEU B 184 -30.75 -4.36 13.13
CA LEU B 184 -30.02 -3.12 13.31
C LEU B 184 -30.09 -2.26 12.05
N LEU B 185 -29.95 -2.87 10.88
CA LEU B 185 -29.81 -2.13 9.63
C LEU B 185 -31.13 -1.84 8.93
N GLY B 186 -32.16 -2.66 9.16
CA GLY B 186 -33.44 -2.46 8.52
C GLY B 186 -33.58 -3.26 7.24
N GLU B 187 -34.83 -3.50 6.86
CA GLU B 187 -35.11 -4.30 5.67
C GLU B 187 -34.68 -3.59 4.40
N ALA B 188 -34.84 -2.27 4.35
CA ALA B 188 -34.47 -1.53 3.15
C ALA B 188 -32.98 -1.69 2.85
N THR B 189 -32.13 -1.36 3.83
CA THR B 189 -30.69 -1.46 3.61
C THR B 189 -30.26 -2.90 3.38
N VAL B 190 -30.90 -3.86 4.04
CA VAL B 190 -30.51 -5.25 3.88
C VAL B 190 -30.78 -5.72 2.45
N GLU B 191 -32.02 -5.57 1.98
CA GLU B 191 -32.33 -5.97 0.61
C GLU B 191 -31.46 -5.22 -0.39
N SER B 192 -31.28 -3.92 -0.18
CA SER B 192 -30.48 -3.14 -1.13
C SER B 192 -29.07 -3.70 -1.26
N LEU B 193 -28.41 -3.97 -0.12
CA LEU B 193 -27.03 -4.44 -0.16
C LEU B 193 -26.94 -5.84 -0.76
N ARG B 194 -27.85 -6.72 -0.39
CA ARG B 194 -27.83 -8.08 -0.95
C ARG B 194 -27.89 -8.03 -2.47
N HIS B 195 -28.88 -7.34 -3.02
CA HIS B 195 -28.99 -7.23 -4.47
C HIS B 195 -27.73 -6.63 -5.07
N ALA B 196 -27.31 -5.47 -4.58
CA ALA B 196 -26.15 -4.79 -5.17
C ALA B 196 -24.90 -5.64 -5.07
N LEU B 197 -24.68 -6.29 -3.93
CA LEU B 197 -23.44 -7.02 -3.71
C LEU B 197 -23.44 -8.36 -4.43
N PHE B 198 -24.56 -9.07 -4.43
CA PHE B 198 -24.58 -10.47 -4.85
C PHE B 198 -25.32 -10.73 -6.14
N PHE B 199 -26.13 -9.78 -6.63
CA PHE B 199 -26.90 -10.00 -7.86
C PHE B 199 -26.64 -8.94 -8.92
N GLU B 200 -25.62 -8.10 -8.75
CA GLU B 200 -25.22 -7.12 -9.76
C GLU B 200 -23.82 -7.46 -10.23
N LYS B 201 -23.68 -7.67 -11.55
CA LYS B 201 -22.39 -8.07 -12.10
C LYS B 201 -21.32 -7.00 -11.91
N THR B 202 -21.71 -5.74 -11.93
CA THR B 202 -20.77 -4.62 -11.88
C THR B 202 -21.04 -3.76 -10.65
N LEU B 203 -19.98 -3.11 -10.18
CA LEU B 203 -20.15 -2.08 -9.17
C LEU B 203 -20.72 -0.82 -9.82
N THR B 204 -21.16 0.12 -8.99
CA THR B 204 -21.69 1.37 -9.51
C THR B 204 -20.65 2.14 -10.31
N ASN B 205 -19.36 1.86 -10.09
CA ASN B 205 -18.28 2.51 -10.81
C ASN B 205 -17.82 1.71 -12.03
N GLY B 206 -18.63 0.77 -12.50
CA GLY B 206 -18.34 0.01 -13.70
C GLY B 206 -17.55 -1.26 -13.51
N GLU B 207 -16.53 -1.22 -12.66
CA GLU B 207 -15.65 -2.37 -12.47
C GLU B 207 -16.44 -3.61 -12.06
N ASP B 208 -15.77 -4.74 -12.14
CA ASP B 208 -16.39 -6.01 -11.79
C ASP B 208 -16.67 -6.08 -10.29
N ASN B 209 -17.84 -6.60 -9.95
CA ASN B 209 -18.19 -6.86 -8.56
C ASN B 209 -17.70 -8.25 -8.20
N PRO B 210 -16.61 -8.39 -7.43
CA PRO B 210 -16.08 -9.73 -7.17
C PRO B 210 -16.95 -10.57 -6.25
N LEU B 211 -18.01 -10.00 -5.68
CA LEU B 211 -18.93 -10.74 -4.85
C LEU B 211 -20.13 -11.25 -5.63
N TRP B 212 -20.21 -10.96 -6.92
CA TRP B 212 -21.33 -11.44 -7.73
C TRP B 212 -21.42 -12.95 -7.67
N ARG B 213 -22.61 -13.45 -7.31
CA ARG B 213 -22.93 -14.87 -7.27
C ARG B 213 -22.05 -15.64 -6.30
N THR B 214 -21.46 -14.98 -5.30
CA THR B 214 -20.80 -15.69 -4.22
C THR B 214 -21.81 -16.31 -3.26
N VAL B 215 -23.04 -15.78 -3.23
CA VAL B 215 -24.17 -16.42 -2.58
C VAL B 215 -25.31 -16.45 -3.59
N VAL B 216 -26.11 -17.51 -3.53
CA VAL B 216 -27.18 -17.72 -4.50
C VAL B 216 -28.46 -18.10 -3.77
N LEU B 217 -29.57 -18.01 -4.48
CA LEU B 217 -30.88 -18.26 -3.92
C LEU B 217 -31.27 -19.72 -4.14
N ARG B 218 -31.50 -20.44 -3.04
CA ARG B 218 -32.00 -21.81 -3.08
C ARG B 218 -33.10 -21.92 -2.04
N ASP B 219 -34.33 -22.15 -2.51
CA ASP B 219 -35.51 -22.17 -1.64
C ASP B 219 -35.74 -20.81 -0.98
N GLY B 220 -35.51 -19.75 -1.75
CA GLY B 220 -35.77 -18.41 -1.25
C GLY B 220 -34.93 -17.98 -0.08
N LEU B 221 -33.75 -18.58 0.11
CA LEU B 221 -32.82 -18.15 1.14
C LEU B 221 -31.43 -18.11 0.54
N LEU B 222 -30.61 -17.18 1.04
CA LEU B 222 -29.30 -16.94 0.46
C LEU B 222 -28.28 -17.92 1.04
N VAL B 223 -27.68 -18.73 0.17
CA VAL B 223 -26.71 -19.74 0.57
C VAL B 223 -25.44 -19.57 -0.26
N ARG B 224 -24.34 -20.09 0.30
CA ARG B 224 -23.04 -19.96 -0.36
C ARG B 224 -22.98 -20.86 -1.59
N ARG B 225 -22.36 -20.33 -2.64
CA ARG B 225 -22.21 -21.07 -3.89
C ARG B 225 -20.96 -21.93 -3.91
N THR B 226 -19.96 -21.62 -3.08
CA THR B 226 -18.67 -22.27 -3.13
C THR B 226 -18.24 -22.69 -1.73
N CYS B 227 -17.59 -23.84 -1.64
CA CYS B 227 -17.09 -24.35 -0.37
C CYS B 227 -15.73 -23.74 -0.07
N CYS B 228 -15.51 -23.44 1.21
CA CYS B 228 -14.24 -22.85 1.62
C CYS B 228 -13.09 -23.84 1.60
N GLN B 229 -13.38 -25.13 1.44
CA GLN B 229 -12.40 -26.21 1.31
C GLN B 229 -11.63 -26.47 2.59
N ARG B 230 -12.04 -25.88 3.72
CA ARG B 230 -11.32 -26.12 4.96
C ARG B 230 -11.43 -27.57 5.41
N TYR B 231 -12.39 -28.33 4.88
CA TYR B 231 -12.51 -29.74 5.24
C TYR B 231 -11.33 -30.55 4.73
N ARG B 232 -10.61 -30.06 3.72
CA ARG B 232 -9.46 -30.78 3.18
C ARG B 232 -8.26 -30.72 4.09
N LEU B 233 -8.32 -29.95 5.19
CA LEU B 233 -7.21 -29.82 6.11
C LEU B 233 -7.37 -30.77 7.28
N PRO B 234 -6.28 -31.35 7.79
CA PRO B 234 -6.41 -32.33 8.88
C PRO B 234 -6.81 -31.65 10.18
N ASP B 235 -7.75 -32.28 10.89
CA ASP B 235 -8.21 -31.79 12.18
C ASP B 235 -8.89 -30.44 12.07
N VAL B 236 -9.52 -30.19 10.92
CA VAL B 236 -10.35 -29.01 10.71
C VAL B 236 -11.72 -29.47 10.28
N GLN B 237 -12.76 -28.96 10.93
CA GLN B 237 -14.10 -29.47 10.75
C GLN B 237 -14.76 -28.85 9.52
N GLN B 238 -15.56 -29.66 8.83
CA GLN B 238 -16.41 -29.15 7.77
C GLN B 238 -17.38 -28.13 8.36
N CYS B 239 -17.59 -27.03 7.63
CA CYS B 239 -18.55 -26.02 8.06
C CYS B 239 -19.95 -26.61 8.13
N GLY B 240 -20.76 -26.08 9.04
CA GLY B 240 -22.11 -26.59 9.18
C GLY B 240 -23.00 -26.26 8.00
N ASP B 241 -22.71 -25.17 7.30
CA ASP B 241 -23.44 -24.80 6.10
C ASP B 241 -22.52 -24.89 4.89
N CYS B 242 -21.93 -26.06 4.67
CA CYS B 242 -21.08 -26.31 3.52
C CYS B 242 -21.93 -26.65 2.30
N THR B 243 -21.40 -26.35 1.12
CA THR B 243 -22.10 -26.69 -0.12
C THR B 243 -22.22 -28.20 -0.29
N LEU B 244 -21.37 -28.99 0.35
CA LEU B 244 -21.34 -30.43 0.13
C LEU B 244 -22.51 -31.13 0.84
#